data_5A0M
#
_entry.id   5A0M
#
_cell.length_a   80.113
_cell.length_b   80.565
_cell.length_c   130.871
_cell.angle_alpha   90.00
_cell.angle_beta   90.00
_cell.angle_gamma   90.00
#
_symmetry.space_group_name_H-M   'P 21 21 21'
#
loop_
_entity.id
_entity.type
_entity.pdbx_description
1 polymer 'INTRON-ENCODED ENDONUCLEASE I-SCEI'
2 polymer 'INTRON-ENCODED ENDONUCLEASE I-SCEI'
3 polymer "5'-D(*CP*AP*CP*GP*CP*TP*AP*GP*GP*GP*AP*TP*AP*AP)-3'"
4 polymer "5'-D(*GP*GP*TP*AP*TP*TP*AP*CP*CP*CP*TP*GP*TP*TP *AP*TP)-3'"
5 polymer "5'-D(*CP*CP*CP*TP*AP*GP*CP*GP*TP)-3'"
6 polymer "5'-D(*CP*AP*GP*GP*GP*TP*AP*AP*TP*AP*CP)-3'"
7 non-polymer 'MANGANESE (II) ION'
8 water water
#
loop_
_entity_poly.entity_id
_entity_poly.type
_entity_poly.pdbx_seq_one_letter_code
_entity_poly.pdbx_strand_id
1 'polypeptide(L)'
;MKNIKKNQVMNLGPNSKLLKEYKSQLIELNIEQFEAGIGLILGDAYIRSRDEGKTYCMQFEWKNKAYMDHVCLLYDQWVL
SPPHKKERVNHLGNLVITWGAQTFKHQAFNKLANLFIVNNKKTIPNNLVENYLTPMSLAYWFMDDGGKWDYNKNSTNKSI
VLNTQSFTFEEVEYLVKGLRNKFQLNCYVKINKNKPIIYIDSMSYLIFYNLIKPYLIPQMMYKLPNTISSETFLK
;
A
2 'polypeptide(L)'
;MKNIKKNQVMNLGPNSKLLKEYKSQLIELNIEQFEAGIGLILGDAYIRSRDEGKTYCMQFEWKNKAYMDHVCLLYDQWVL
SPPHKKERVNHLGNLVITWGAQTFKHQAFNKLANLFIVNNKKTIPNNLVENYLTPMSLAYWFMDDGGKWDYNKNSTNTSI
VLNTQSFTFEEVEYLVKGLRNKFQLNCYVKINKNKPIIYIDSMSYLIFYNLIKPYLIPQMMYKLPNTISSETFLK
;
B
3 'polydeoxyribonucleotide' (DC)(DA)(DC)(DG)(DC)(DT)(DA)(DG)(DG)(DG)(DA)(DT)(DA)(DA) C,E
4 'polydeoxyribonucleotide' (DG)(DG)(DT)(DA)(DT)(DT)(DA)(DC)(DC)(DC)(DT)(DG)(DT)(DT)(DA)(DT) D,H
5 'polydeoxyribonucleotide' (DC)(DC)(DC)(DT)(DA)(DG)(DC)(DG)(DT) I,L
6 'polydeoxyribonucleotide' (DC)(DA)(DG)(DG)(DG)(DT)(DA)(DA)(DT)(DA)(DC) J,K
#
# COMPACT_ATOMS: atom_id res chain seq x y z
N ASN A 3 -26.60 5.71 -9.50
CA ASN A 3 -25.15 5.54 -9.59
C ASN A 3 -24.59 6.17 -10.87
N ILE A 4 -23.27 6.42 -10.90
CA ILE A 4 -22.64 7.18 -11.99
C ILE A 4 -21.60 6.41 -12.78
N LYS A 5 -21.66 6.53 -14.10
CA LYS A 5 -20.71 5.89 -15.01
C LYS A 5 -19.83 6.96 -15.67
N LYS A 6 -18.60 6.59 -16.04
CA LYS A 6 -17.71 7.53 -16.71
C LYS A 6 -18.37 8.04 -17.98
N ASN A 7 -19.21 7.19 -18.56
CA ASN A 7 -20.02 7.52 -19.72
C ASN A 7 -20.63 8.92 -19.61
N GLN A 8 -21.32 9.15 -18.50
CA GLN A 8 -22.11 10.37 -18.37
C GLN A 8 -21.34 11.53 -17.76
N VAL A 9 -20.07 11.32 -17.43
CA VAL A 9 -19.27 12.44 -16.92
C VAL A 9 -18.20 12.91 -17.90
N MET A 10 -17.84 12.03 -18.83
CA MET A 10 -16.68 12.25 -19.70
C MET A 10 -16.84 13.37 -20.72
N ASN A 11 -17.85 14.21 -20.55
CA ASN A 11 -18.03 15.36 -21.42
C ASN A 11 -18.24 16.64 -20.63
N LEU A 12 -18.67 16.48 -19.39
CA LEU A 12 -19.12 17.60 -18.55
C LEU A 12 -17.97 18.48 -18.13
N GLY A 13 -18.24 19.78 -18.02
CA GLY A 13 -17.27 20.75 -17.56
C GLY A 13 -16.49 20.28 -16.35
N PRO A 14 -15.27 20.78 -16.19
CA PRO A 14 -14.33 20.27 -15.20
C PRO A 14 -14.87 20.34 -13.77
N ASN A 15 -15.52 21.44 -13.42
CA ASN A 15 -15.96 21.64 -12.04
C ASN A 15 -17.35 21.06 -11.74
N SER A 16 -18.02 20.51 -12.75
CA SER A 16 -19.38 19.97 -12.62
C SER A 16 -19.62 19.00 -11.45
N LYS A 17 -20.79 19.12 -10.84
CA LYS A 17 -21.13 18.35 -9.64
C LYS A 17 -21.21 16.86 -9.92
N LEU A 18 -21.74 16.49 -11.09
CA LEU A 18 -21.87 15.08 -11.46
C LEU A 18 -20.49 14.40 -11.51
N LEU A 19 -19.56 15.05 -12.20
CA LEU A 19 -18.16 14.62 -12.24
C LEU A 19 -17.57 14.43 -10.85
N LYS A 20 -17.64 15.48 -10.02
CA LYS A 20 -17.03 15.46 -8.69
C LYS A 20 -17.62 14.35 -7.82
N GLU A 21 -18.82 13.92 -8.17
CA GLU A 21 -19.48 12.82 -7.48
C GLU A 21 -19.01 11.49 -8.05
N TYR A 22 -18.69 11.51 -9.35
CA TYR A 22 -18.11 10.36 -10.01
C TYR A 22 -16.87 9.94 -9.24
N LYS A 23 -15.95 10.89 -9.09
CA LYS A 23 -14.68 10.66 -8.41
C LYS A 23 -14.85 10.07 -7.02
N SER A 24 -15.88 10.51 -6.31
CA SER A 24 -16.05 10.14 -4.91
C SER A 24 -16.38 8.65 -4.74
N GLN A 25 -16.65 7.96 -5.85
CA GLN A 25 -16.83 6.50 -5.85
C GLN A 25 -15.48 5.77 -5.80
N LEU A 26 -14.54 6.19 -6.65
CA LEU A 26 -13.17 5.64 -6.64
C LEU A 26 -12.44 5.97 -5.34
N ILE A 27 -11.84 4.97 -4.73
CA ILE A 27 -11.17 5.15 -3.45
C ILE A 27 -9.65 5.01 -3.57
N GLU A 28 -9.18 3.93 -4.19
CA GLU A 28 -7.74 3.77 -4.41
C GLU A 28 -7.44 3.28 -5.82
N LEU A 29 -6.19 2.92 -6.04
CA LEU A 29 -5.73 2.45 -7.33
C LEU A 29 -5.54 0.96 -7.26
N ASN A 30 -6.10 0.20 -8.20
CA ASN A 30 -5.96 -1.27 -8.15
C ASN A 30 -4.49 -1.65 -8.32
N ILE A 31 -4.11 -2.73 -7.66
CA ILE A 31 -2.71 -3.07 -7.48
C ILE A 31 -1.94 -3.18 -8.81
N GLU A 32 -2.67 -3.18 -9.93
CA GLU A 32 -2.03 -3.08 -11.24
C GLU A 32 -1.66 -1.62 -11.52
N GLN A 33 -2.63 -0.72 -11.36
CA GLN A 33 -2.44 0.69 -11.63
C GLN A 33 -1.35 1.29 -10.72
N PHE A 34 -1.20 0.73 -9.52
CA PHE A 34 -0.23 1.22 -8.56
C PHE A 34 1.16 0.74 -8.91
N GLU A 35 1.33 -0.56 -9.05
CA GLU A 35 2.64 -1.09 -9.34
C GLU A 35 3.14 -0.55 -10.69
N ALA A 36 2.24 -0.35 -11.64
CA ALA A 36 2.64 0.18 -12.92
C ALA A 36 3.13 1.62 -12.77
N GLY A 37 2.55 2.34 -11.83
CA GLY A 37 2.88 3.75 -11.65
C GLY A 37 4.21 4.00 -10.97
N ILE A 38 4.67 3.06 -10.15
CA ILE A 38 6.04 3.13 -9.64
C ILE A 38 7.03 3.11 -10.79
N GLY A 39 6.68 2.35 -11.80
CA GLY A 39 7.49 2.23 -12.99
C GLY A 39 7.28 3.40 -13.90
N LEU A 40 6.04 3.75 -14.17
CA LEU A 40 5.79 4.90 -15.02
C LEU A 40 6.39 6.18 -14.47
N ILE A 41 6.46 6.30 -13.15
CA ILE A 41 6.99 7.52 -12.54
C ILE A 41 8.52 7.53 -12.50
N LEU A 42 9.13 6.37 -12.33
CA LEU A 42 10.56 6.22 -12.56
C LEU A 42 10.93 6.55 -14.01
N GLY A 43 9.96 6.49 -14.90
CA GLY A 43 10.21 6.58 -16.31
C GLY A 43 9.80 7.90 -16.90
N ASP A 44 8.62 7.90 -17.54
CA ASP A 44 8.23 8.99 -18.40
C ASP A 44 7.01 9.76 -17.94
N ALA A 45 6.52 9.50 -16.73
CA ALA A 45 5.27 10.11 -16.32
C ALA A 45 5.48 11.28 -15.40
N TYR A 46 4.68 12.32 -15.62
CA TYR A 46 4.63 13.50 -14.78
C TYR A 46 3.53 13.32 -13.74
N ILE A 47 3.87 13.33 -12.46
CA ILE A 47 2.83 13.31 -11.43
C ILE A 47 2.77 14.65 -10.68
N ARG A 48 1.77 15.47 -10.98
CA ARG A 48 1.77 16.84 -10.46
C ARG A 48 0.60 17.23 -9.55
N SER A 49 0.88 18.18 -8.68
CA SER A 49 -0.08 18.72 -7.73
C SER A 49 -0.15 20.22 -7.85
N ARG A 50 -1.28 20.74 -8.33
CA ARG A 50 -1.49 22.19 -8.45
C ARG A 50 -2.00 22.85 -7.16
N ASP A 51 -2.13 22.09 -6.07
CA ASP A 51 -2.65 22.62 -4.81
C ASP A 51 -1.91 22.16 -3.55
N GLU A 52 -0.59 22.07 -3.62
CA GLU A 52 0.23 21.81 -2.43
C GLU A 52 0.15 20.38 -1.89
N GLY A 53 -0.19 19.42 -2.75
CA GLY A 53 -0.14 18.02 -2.35
C GLY A 53 -1.43 17.45 -1.74
N LYS A 54 -2.51 18.21 -1.81
CA LYS A 54 -3.76 17.67 -1.34
C LYS A 54 -4.20 16.59 -2.32
N THR A 55 -3.95 16.84 -3.61
CA THR A 55 -4.19 15.85 -4.63
C THR A 55 -3.31 16.01 -5.85
N TYR A 56 -2.88 14.87 -6.37
CA TYR A 56 -2.08 14.79 -7.58
C TYR A 56 -2.86 14.25 -8.76
N CYS A 57 -2.44 14.62 -9.97
CA CYS A 57 -2.82 13.90 -11.18
C CYS A 57 -1.57 13.32 -11.89
N MET A 58 -1.79 12.69 -13.03
CA MET A 58 -0.68 12.17 -13.81
C MET A 58 -0.81 12.65 -15.22
N GLN A 59 0.25 13.29 -15.70
CA GLN A 59 0.29 13.69 -17.09
C GLN A 59 1.11 12.69 -17.88
N PHE A 60 0.65 12.40 -19.09
CA PHE A 60 1.36 11.50 -19.98
C PHE A 60 1.78 12.24 -21.24
N GLU A 61 2.84 11.75 -21.90
CA GLU A 61 3.20 12.13 -23.27
C GLU A 61 4.14 11.08 -23.80
N TRP A 62 3.85 10.57 -24.99
CA TRP A 62 4.69 9.58 -25.64
C TRP A 62 4.68 9.77 -27.15
N LYS A 63 5.46 8.97 -27.87
CA LYS A 63 5.44 8.99 -29.33
C LYS A 63 4.58 7.85 -29.86
N ASN A 64 4.62 6.76 -29.12
CA ASN A 64 4.03 5.52 -29.53
C ASN A 64 2.54 5.41 -29.15
N LYS A 65 1.68 5.71 -30.12
CA LYS A 65 0.25 5.74 -29.88
C LYS A 65 -0.27 4.44 -29.28
N ALA A 66 0.42 3.34 -29.53
CA ALA A 66 0.01 2.06 -28.95
C ALA A 66 0.23 2.04 -27.44
N TYR A 67 1.39 2.51 -27.00
CA TYR A 67 1.72 2.59 -25.58
C TYR A 67 0.77 3.53 -24.90
N MET A 68 0.63 4.72 -25.48
CA MET A 68 -0.33 5.69 -25.01
C MET A 68 -1.71 5.03 -24.81
N ASP A 69 -2.30 4.52 -25.89
CA ASP A 69 -3.59 3.80 -25.82
C ASP A 69 -3.60 2.72 -24.73
N HIS A 70 -2.51 1.99 -24.58
CA HIS A 70 -2.43 0.93 -23.60
C HIS A 70 -2.43 1.46 -22.17
N VAL A 71 -1.78 2.60 -21.95
CA VAL A 71 -1.69 3.15 -20.62
C VAL A 71 -3.06 3.63 -20.24
N CYS A 72 -3.71 4.35 -21.17
CA CYS A 72 -5.07 4.85 -20.96
C CYS A 72 -6.06 3.74 -20.60
N LEU A 73 -5.99 2.63 -21.31
CA LEU A 73 -6.79 1.46 -20.99
C LEU A 73 -6.47 0.87 -19.61
N LEU A 74 -5.30 1.19 -19.05
CA LEU A 74 -4.98 0.71 -17.71
C LEU A 74 -5.54 1.64 -16.64
N TYR A 75 -5.55 2.94 -16.94
CA TYR A 75 -6.21 3.94 -16.11
C TYR A 75 -7.57 4.27 -16.73
N ASP A 76 -8.33 3.23 -17.07
CA ASP A 76 -9.65 3.40 -17.70
C ASP A 76 -10.51 4.35 -16.87
N GLN A 77 -10.59 4.09 -15.57
CA GLN A 77 -11.43 4.83 -14.64
C GLN A 77 -10.99 6.27 -14.39
N TRP A 78 -9.68 6.52 -14.53
CA TRP A 78 -9.15 7.80 -14.11
C TRP A 78 -8.93 8.73 -15.27
N VAL A 79 -8.98 8.22 -16.48
CA VAL A 79 -8.84 9.12 -17.62
C VAL A 79 -10.19 9.33 -18.28
N LEU A 80 -10.47 10.57 -18.65
CA LEU A 80 -11.79 10.91 -19.16
C LEU A 80 -11.84 10.98 -20.67
N SER A 81 -10.74 11.38 -21.28
CA SER A 81 -10.76 11.61 -22.72
C SER A 81 -9.73 10.76 -23.45
N PRO A 82 -10.08 10.28 -24.65
CA PRO A 82 -8.98 9.74 -25.45
C PRO A 82 -7.99 10.86 -25.79
N PRO A 83 -6.73 10.48 -26.00
CA PRO A 83 -5.51 11.28 -26.06
C PRO A 83 -5.53 12.39 -27.09
N HIS A 84 -4.80 13.47 -26.81
CA HIS A 84 -4.76 14.60 -27.73
C HIS A 84 -3.47 14.68 -28.52
N LYS A 85 -3.52 14.21 -29.76
CA LYS A 85 -2.37 14.25 -30.65
C LYS A 85 -1.77 15.65 -30.73
N LYS A 86 -0.50 15.78 -30.35
CA LYS A 86 0.18 17.07 -30.32
C LYS A 86 1.19 17.19 -31.47
N GLU A 87 0.97 18.16 -32.35
CA GLU A 87 1.86 18.37 -33.49
C GLU A 87 2.69 19.62 -33.29
N ARG A 88 3.94 19.44 -32.87
CA ARG A 88 4.79 20.56 -32.48
C ARG A 88 5.91 20.84 -33.49
N VAL A 89 6.41 22.07 -33.48
CA VAL A 89 7.45 22.53 -34.39
C VAL A 89 8.68 23.04 -33.62
N ASN A 90 9.81 22.33 -33.74
CA ASN A 90 10.99 22.67 -32.94
C ASN A 90 11.85 23.76 -33.55
N HIS A 91 12.88 24.18 -32.84
CA HIS A 91 13.69 25.33 -33.23
C HIS A 91 14.57 25.01 -34.44
N LEU A 92 14.26 23.92 -35.13
CA LEU A 92 14.95 23.59 -36.38
C LEU A 92 13.92 23.36 -37.48
N GLY A 93 12.74 23.94 -37.30
CA GLY A 93 11.66 23.85 -38.28
C GLY A 93 11.25 22.42 -38.54
N ASN A 94 11.47 21.56 -37.56
CA ASN A 94 11.11 20.14 -37.70
C ASN A 94 9.81 19.80 -36.97
N LEU A 95 8.94 19.06 -37.64
CA LEU A 95 7.66 18.64 -37.06
C LEU A 95 7.76 17.35 -36.24
N VAL A 96 7.43 17.44 -34.95
CA VAL A 96 7.43 16.29 -34.04
C VAL A 96 6.00 15.86 -33.63
N ILE A 97 5.74 14.56 -33.67
CA ILE A 97 4.38 14.05 -33.42
C ILE A 97 4.29 13.20 -32.16
N THR A 98 3.73 13.77 -31.11
CA THR A 98 3.52 13.03 -29.86
C THR A 98 2.04 12.81 -29.58
N TRP A 99 1.77 12.08 -28.50
CA TRP A 99 0.41 11.90 -27.99
C TRP A 99 0.43 12.30 -26.53
N GLY A 100 -0.65 12.91 -26.07
CA GLY A 100 -0.72 13.42 -24.71
C GLY A 100 -1.98 12.96 -24.02
N ALA A 101 -1.99 13.07 -22.70
CA ALA A 101 -3.16 12.70 -21.93
C ALA A 101 -2.92 12.98 -20.45
N GLN A 102 -3.92 12.68 -19.64
CA GLN A 102 -3.92 13.01 -18.23
C GLN A 102 -5.06 12.33 -17.50
N THR A 103 -4.79 11.93 -16.26
CA THR A 103 -5.83 11.61 -15.33
C THR A 103 -6.41 12.93 -14.79
N PHE A 104 -7.59 12.87 -14.19
CA PHE A 104 -8.01 13.99 -13.37
C PHE A 104 -7.31 13.83 -12.03
N LYS A 105 -7.28 14.89 -11.24
CA LYS A 105 -6.63 14.81 -9.95
C LYS A 105 -7.49 14.01 -9.00
N HIS A 106 -6.88 13.29 -8.08
CA HIS A 106 -7.67 12.58 -7.11
C HIS A 106 -6.81 12.28 -5.90
N GLN A 107 -7.45 12.26 -4.74
CA GLN A 107 -6.72 12.01 -3.50
C GLN A 107 -6.06 10.64 -3.49
N ALA A 108 -6.36 9.81 -4.50
CA ALA A 108 -5.86 8.43 -4.52
C ALA A 108 -4.45 8.38 -5.12
N PHE A 109 -4.09 9.42 -5.87
CA PHE A 109 -2.78 9.46 -6.45
C PHE A 109 -1.69 9.93 -5.49
N ASN A 110 -2.03 10.25 -4.26
CA ASN A 110 -1.01 10.70 -3.31
C ASN A 110 -0.12 9.54 -2.89
N LYS A 111 -0.72 8.38 -2.71
CA LYS A 111 0.02 7.23 -2.20
C LYS A 111 1.20 6.99 -3.12
N LEU A 112 0.99 7.24 -4.42
CA LEU A 112 2.09 7.22 -5.39
C LEU A 112 2.99 8.43 -5.15
N ALA A 113 2.47 9.63 -5.39
CA ALA A 113 3.19 10.89 -5.24
C ALA A 113 4.12 10.98 -4.02
N ASN A 114 3.59 10.78 -2.82
CA ASN A 114 4.39 10.89 -1.60
C ASN A 114 5.59 9.98 -1.55
N LEU A 115 5.68 9.03 -2.48
CA LEU A 115 6.84 8.15 -2.51
C LEU A 115 7.98 8.83 -3.24
N PHE A 116 7.66 9.75 -4.14
CA PHE A 116 8.68 10.39 -4.98
C PHE A 116 8.86 11.86 -4.67
N ILE A 117 7.76 12.62 -4.69
CA ILE A 117 7.77 14.09 -4.59
C ILE A 117 7.96 14.58 -3.16
N VAL A 118 9.04 15.36 -2.94
CA VAL A 118 9.36 15.90 -1.62
C VAL A 118 9.43 17.40 -1.69
N ASN A 119 10.43 17.80 -2.45
CA ASN A 119 10.84 19.17 -2.62
C ASN A 119 9.88 19.87 -3.58
N ASN A 120 8.90 19.10 -4.06
CA ASN A 120 8.06 19.41 -5.23
C ASN A 120 8.81 18.96 -6.47
N LYS A 121 9.76 18.07 -6.25
CA LYS A 121 10.68 17.60 -7.26
C LYS A 121 10.68 16.06 -7.18
N LYS A 122 10.67 15.36 -8.31
CA LYS A 122 10.74 13.90 -8.29
C LYS A 122 12.03 13.39 -7.65
N THR A 123 11.89 12.40 -6.78
CA THR A 123 12.98 11.99 -5.91
C THR A 123 12.93 10.51 -5.59
N ILE A 124 14.08 9.87 -5.40
CA ILE A 124 14.08 8.47 -5.00
C ILE A 124 14.48 8.31 -3.54
N PRO A 125 13.58 7.71 -2.75
CA PRO A 125 13.90 7.43 -1.35
C PRO A 125 14.65 6.10 -1.23
N ASN A 126 15.34 5.89 -0.12
CA ASN A 126 16.00 4.61 0.11
C ASN A 126 14.95 3.52 0.16
N ASN A 127 15.32 2.29 -0.20
CA ASN A 127 14.43 1.15 0.01
C ASN A 127 13.16 1.15 -0.83
N LEU A 128 13.02 2.15 -1.70
CA LEU A 128 11.87 2.21 -2.59
C LEU A 128 11.73 0.91 -3.36
N VAL A 129 12.82 0.40 -3.90
CA VAL A 129 12.78 -0.81 -4.70
C VAL A 129 12.43 -2.04 -3.87
N GLU A 130 13.02 -2.14 -2.69
CA GLU A 130 12.70 -3.26 -1.80
C GLU A 130 11.22 -3.27 -1.46
N ASN A 131 10.71 -2.15 -0.97
CA ASN A 131 9.36 -2.10 -0.42
C ASN A 131 8.24 -2.04 -1.46
N TYR A 132 8.47 -1.47 -2.65
CA TYR A 132 7.38 -1.30 -3.61
C TYR A 132 7.63 -1.79 -5.03
N LEU A 133 8.83 -1.58 -5.55
CA LEU A 133 9.08 -1.95 -6.94
C LEU A 133 8.82 -3.44 -7.10
N THR A 134 7.99 -3.79 -8.07
CA THR A 134 7.71 -5.19 -8.35
C THR A 134 7.96 -5.42 -9.83
N PRO A 135 8.00 -6.68 -10.25
CA PRO A 135 8.31 -7.00 -11.65
C PRO A 135 7.44 -6.25 -12.66
N MET A 136 6.17 -6.02 -12.33
CA MET A 136 5.29 -5.32 -13.26
C MET A 136 5.71 -3.85 -13.38
N SER A 137 6.19 -3.30 -12.26
CA SER A 137 6.79 -1.98 -12.21
C SER A 137 8.02 -1.90 -13.10
N LEU A 138 8.83 -2.95 -13.04
CA LEU A 138 10.09 -3.02 -13.75
C LEU A 138 9.87 -3.00 -15.24
N ALA A 139 8.70 -3.47 -15.66
CA ALA A 139 8.42 -3.56 -17.08
C ALA A 139 8.18 -2.18 -17.67
N TYR A 140 7.32 -1.41 -17.00
CA TYR A 140 6.92 -0.10 -17.48
C TYR A 140 8.09 0.89 -17.34
N TRP A 141 8.97 0.61 -16.37
CA TRP A 141 10.20 1.37 -16.25
C TRP A 141 11.03 1.19 -17.51
N PHE A 142 11.20 -0.06 -17.90
CA PHE A 142 11.92 -0.39 -19.10
C PHE A 142 11.25 0.20 -20.35
N MET A 143 9.96 -0.02 -20.50
CA MET A 143 9.27 0.43 -21.70
C MET A 143 9.38 1.93 -21.84
N ASP A 144 9.52 2.62 -20.71
CA ASP A 144 9.61 4.07 -20.72
C ASP A 144 11.02 4.54 -20.98
N ASP A 145 11.94 4.12 -20.13
CA ASP A 145 13.30 4.65 -20.10
C ASP A 145 14.40 3.63 -20.43
N GLY A 146 14.03 2.35 -20.44
CA GLY A 146 14.97 1.28 -20.71
C GLY A 146 15.48 1.30 -22.15
N GLY A 147 16.46 0.45 -22.44
CA GLY A 147 17.08 0.46 -23.74
C GLY A 147 18.30 -0.43 -23.88
N LYS A 148 18.78 -0.53 -25.11
CA LYS A 148 19.95 -1.31 -25.44
C LYS A 148 21.21 -0.70 -24.87
N TRP A 149 22.23 -1.52 -24.64
CA TRP A 149 23.58 -0.99 -24.45
C TRP A 149 24.23 -0.87 -25.83
N ASP A 150 24.07 -1.94 -26.60
CA ASP A 150 24.68 -2.07 -27.92
C ASP A 150 23.66 -1.94 -29.05
N TYR A 151 23.73 -0.83 -29.77
CA TYR A 151 22.73 -0.52 -30.80
C TYR A 151 23.19 -0.86 -32.22
N ASN A 152 24.46 -1.18 -32.41
CA ASN A 152 24.94 -1.69 -33.70
C ASN A 152 24.18 -2.98 -34.04
N LYS A 153 23.64 -3.07 -35.25
CA LYS A 153 22.97 -4.31 -35.65
C LYS A 153 24.01 -5.41 -35.75
N ASN A 154 23.55 -6.66 -35.64
CA ASN A 154 24.42 -7.84 -35.60
C ASN A 154 25.13 -7.95 -34.25
N SER A 155 24.79 -7.05 -33.33
CA SER A 155 25.27 -7.12 -31.95
C SER A 155 24.65 -8.31 -31.24
N THR A 156 25.49 -9.18 -30.70
CA THR A 156 25.03 -10.32 -29.92
C THR A 156 24.93 -9.93 -28.46
N ASN A 157 25.23 -8.67 -28.18
CA ASN A 157 25.17 -8.12 -26.83
C ASN A 157 23.76 -8.07 -26.28
N LYS A 158 23.57 -8.57 -25.06
CA LYS A 158 22.26 -8.60 -24.42
C LYS A 158 22.18 -7.66 -23.21
N SER A 159 23.08 -6.68 -23.17
CA SER A 159 23.24 -5.79 -22.01
C SER A 159 22.28 -4.61 -22.06
N ILE A 160 21.64 -4.34 -20.92
CA ILE A 160 20.57 -3.35 -20.83
C ILE A 160 20.92 -2.14 -19.97
N VAL A 161 20.37 -1.00 -20.37
CA VAL A 161 20.57 0.25 -19.65
C VAL A 161 19.22 0.87 -19.29
N LEU A 162 19.15 1.49 -18.10
CA LEU A 162 17.95 2.18 -17.68
C LEU A 162 18.30 3.63 -17.54
N ASN A 163 17.76 4.47 -18.40
CA ASN A 163 18.22 5.85 -18.50
C ASN A 163 17.71 6.80 -17.41
N THR A 164 18.36 6.74 -16.25
CA THR A 164 17.92 7.44 -15.07
C THR A 164 18.55 8.78 -14.89
N GLN A 165 18.85 9.48 -15.97
CA GLN A 165 19.64 10.71 -15.85
C GLN A 165 18.96 11.86 -15.11
N SER A 166 17.71 11.68 -14.73
CA SER A 166 16.99 12.71 -13.98
C SER A 166 17.42 12.75 -12.53
N PHE A 167 18.02 11.68 -12.05
CA PHE A 167 18.28 11.55 -10.64
C PHE A 167 19.71 11.81 -10.24
N THR A 168 19.92 12.04 -8.95
CA THR A 168 21.26 12.20 -8.42
C THR A 168 21.97 10.87 -8.30
N PHE A 169 23.30 10.90 -8.36
CA PHE A 169 24.06 9.66 -8.26
C PHE A 169 23.72 8.92 -6.98
N GLU A 170 23.46 9.65 -5.89
CA GLU A 170 23.11 8.99 -4.66
C GLU A 170 21.75 8.28 -4.79
N GLU A 171 20.79 8.94 -5.43
CA GLU A 171 19.49 8.35 -5.66
C GLU A 171 19.61 7.09 -6.52
N VAL A 172 20.33 7.19 -7.63
CA VAL A 172 20.48 6.07 -8.55
C VAL A 172 21.25 4.90 -7.93
N GLU A 173 22.18 5.23 -7.05
CA GLU A 173 22.91 4.19 -6.33
C GLU A 173 21.97 3.32 -5.48
N TYR A 174 20.99 3.95 -4.85
CA TYR A 174 20.00 3.26 -4.03
C TYR A 174 19.11 2.35 -4.87
N LEU A 175 18.79 2.81 -6.08
CA LEU A 175 17.98 2.02 -6.99
C LEU A 175 18.74 0.76 -7.37
N VAL A 176 20.06 0.89 -7.41
CA VAL A 176 20.91 -0.20 -7.87
C VAL A 176 21.07 -1.25 -6.79
N LYS A 177 21.26 -0.80 -5.56
CA LYS A 177 21.36 -1.70 -4.42
C LYS A 177 20.11 -2.53 -4.32
N GLY A 178 18.98 -1.92 -4.66
CA GLY A 178 17.69 -2.59 -4.64
C GLY A 178 17.63 -3.69 -5.68
N LEU A 179 17.74 -3.30 -6.96
CA LEU A 179 17.75 -4.28 -8.04
C LEU A 179 18.71 -5.42 -7.75
N ARG A 180 19.89 -5.09 -7.24
CA ARG A 180 20.91 -6.11 -7.00
C ARG A 180 20.39 -7.10 -5.94
N ASN A 181 19.98 -6.60 -4.78
CA ASN A 181 19.49 -7.46 -3.70
C ASN A 181 18.23 -8.24 -4.04
N LYS A 182 17.21 -7.53 -4.52
CA LYS A 182 15.86 -8.05 -4.62
C LYS A 182 15.56 -8.96 -5.81
N PHE A 183 16.27 -8.75 -6.91
CA PHE A 183 16.05 -9.57 -8.10
C PHE A 183 17.29 -10.38 -8.49
N GLN A 184 18.42 -10.03 -7.88
CA GLN A 184 19.71 -10.69 -8.14
C GLN A 184 20.24 -10.37 -9.53
N LEU A 185 19.98 -9.14 -10.00
CA LEU A 185 20.50 -8.69 -11.28
C LEU A 185 21.91 -8.22 -11.08
N ASN A 186 22.80 -8.62 -11.98
CA ASN A 186 24.15 -8.06 -12.00
C ASN A 186 24.12 -6.73 -12.74
N CYS A 187 24.02 -5.63 -11.99
CA CYS A 187 24.00 -4.31 -12.60
C CYS A 187 24.91 -3.33 -11.88
N TYR A 188 25.04 -2.12 -12.42
CA TYR A 188 25.84 -1.09 -11.78
C TYR A 188 25.79 0.19 -12.58
N VAL A 189 25.98 1.32 -11.88
CA VAL A 189 25.83 2.62 -12.49
C VAL A 189 26.99 3.02 -13.40
N LYS A 190 26.68 3.42 -14.63
CA LYS A 190 27.68 4.04 -15.51
C LYS A 190 27.36 5.52 -15.61
N ILE A 191 27.79 6.16 -16.69
CA ILE A 191 27.55 7.58 -16.85
C ILE A 191 27.25 7.97 -18.28
N ASN A 192 26.50 9.05 -18.45
CA ASN A 192 26.14 9.52 -19.77
C ASN A 192 25.74 10.99 -19.69
N LYS A 193 26.51 11.85 -20.36
CA LYS A 193 26.31 13.29 -20.23
C LYS A 193 26.37 13.64 -18.76
N ASN A 194 27.35 13.06 -18.07
CA ASN A 194 27.65 13.43 -16.69
C ASN A 194 26.52 13.10 -15.71
N LYS A 195 25.54 12.32 -16.16
CA LYS A 195 24.43 11.91 -15.31
C LYS A 195 24.26 10.41 -15.32
N PRO A 196 23.81 9.82 -14.21
CA PRO A 196 23.76 8.38 -13.99
C PRO A 196 22.83 7.61 -14.92
N ILE A 197 23.24 6.40 -15.27
CA ILE A 197 22.37 5.42 -15.94
C ILE A 197 22.62 4.08 -15.26
N ILE A 198 21.62 3.22 -15.25
CA ILE A 198 21.82 1.87 -14.73
C ILE A 198 22.12 0.83 -15.80
N TYR A 199 23.38 0.39 -15.85
CA TYR A 199 23.81 -0.64 -16.79
C TYR A 199 23.56 -2.01 -16.15
N ILE A 200 22.70 -2.80 -16.78
CA ILE A 200 22.50 -4.18 -16.37
C ILE A 200 23.35 -5.06 -17.27
N ASP A 201 24.28 -5.81 -16.68
CA ASP A 201 25.15 -6.70 -17.43
C ASP A 201 24.36 -7.83 -18.09
N SER A 202 24.82 -8.26 -19.27
CA SER A 202 24.13 -9.30 -20.03
C SER A 202 24.11 -10.62 -19.28
N MET A 203 24.98 -10.76 -18.28
CA MET A 203 25.01 -11.94 -17.44
C MET A 203 23.71 -12.13 -16.65
N SER A 204 22.72 -11.28 -16.88
CA SER A 204 21.47 -11.37 -16.15
C SER A 204 20.27 -11.02 -17.03
N TYR A 205 20.48 -11.00 -18.34
CA TYR A 205 19.40 -10.72 -19.28
C TYR A 205 18.52 -11.98 -19.45
N LEU A 206 18.94 -13.07 -18.82
CA LEU A 206 18.00 -14.13 -18.58
C LEU A 206 17.02 -13.61 -17.55
N ILE A 207 17.53 -13.36 -16.35
CA ILE A 207 16.68 -13.02 -15.23
C ILE A 207 15.86 -11.74 -15.47
N PHE A 208 16.46 -10.71 -16.05
CA PHE A 208 15.75 -9.46 -16.31
C PHE A 208 14.60 -9.65 -17.31
N TYR A 209 14.79 -10.56 -18.26
CA TYR A 209 13.81 -10.72 -19.32
C TYR A 209 12.59 -11.49 -18.84
N ASN A 210 12.84 -12.54 -18.07
CA ASN A 210 11.76 -13.34 -17.53
C ASN A 210 10.96 -12.57 -16.48
N LEU A 211 11.53 -11.48 -16.01
CA LEU A 211 10.86 -10.65 -15.02
C LEU A 211 9.86 -9.72 -15.70
N ILE A 212 10.14 -9.31 -16.93
CA ILE A 212 9.36 -8.25 -17.58
C ILE A 212 8.59 -8.69 -18.81
N LYS A 213 8.87 -9.91 -19.27
CA LYS A 213 8.18 -10.47 -20.44
C LYS A 213 6.68 -10.69 -20.20
N PRO A 214 6.30 -11.03 -18.95
CA PRO A 214 4.87 -11.21 -18.68
C PRO A 214 4.04 -9.96 -18.99
N TYR A 215 4.66 -8.80 -18.79
CA TYR A 215 3.95 -7.51 -18.83
C TYR A 215 4.23 -6.65 -20.06
N LEU A 216 5.18 -7.07 -20.88
CA LEU A 216 5.59 -6.27 -22.02
C LEU A 216 4.57 -6.27 -23.16
N ILE A 217 4.07 -5.10 -23.54
CA ILE A 217 3.18 -5.04 -24.69
C ILE A 217 3.96 -5.22 -25.98
N PRO A 218 3.28 -5.68 -27.04
CA PRO A 218 3.85 -6.05 -28.34
C PRO A 218 4.57 -4.93 -29.07
N GLN A 219 3.98 -3.72 -29.13
CA GLN A 219 4.57 -2.62 -29.90
C GLN A 219 5.85 -2.11 -29.28
N MET A 220 6.17 -2.62 -28.09
CA MET A 220 7.34 -2.20 -27.34
C MET A 220 8.41 -3.31 -27.29
N MET A 221 8.40 -4.21 -28.27
CA MET A 221 9.33 -5.34 -28.28
C MET A 221 10.60 -4.99 -29.06
N TYR A 222 10.51 -3.89 -29.79
CA TYR A 222 11.61 -3.41 -30.60
C TYR A 222 12.74 -2.80 -29.75
N LYS A 223 12.57 -2.83 -28.44
CA LYS A 223 13.51 -2.16 -27.52
C LYS A 223 14.52 -3.10 -26.93
N LEU A 224 14.23 -4.39 -26.99
CA LEU A 224 15.09 -5.42 -26.41
C LEU A 224 16.29 -5.68 -27.30
N PRO A 225 17.16 -6.60 -26.87
CA PRO A 225 18.21 -7.12 -27.75
C PRO A 225 17.62 -8.01 -28.86
N ASN A 226 17.76 -9.35 -28.77
CA ASN A 226 17.43 -10.35 -29.85
C ASN A 226 17.68 -11.83 -29.53
N LYS B 2 -11.80 -38.56 7.96
CA LYS B 2 -10.85 -37.87 7.03
C LYS B 2 -10.65 -36.44 7.50
N ASN B 3 -9.71 -35.70 6.91
CA ASN B 3 -9.72 -34.27 7.17
C ASN B 3 -10.40 -33.49 6.06
N ILE B 4 -11.52 -32.86 6.43
CA ILE B 4 -12.20 -31.89 5.58
C ILE B 4 -11.27 -30.70 5.31
N LYS B 5 -11.40 -30.10 4.13
CA LYS B 5 -10.54 -28.99 3.74
C LYS B 5 -11.43 -27.81 3.37
N LYS B 6 -10.98 -26.61 3.72
CA LYS B 6 -11.77 -25.39 3.63
C LYS B 6 -12.58 -25.21 2.33
N ASN B 7 -12.08 -25.77 1.23
CA ASN B 7 -12.71 -25.65 -0.09
C ASN B 7 -14.10 -26.23 -0.08
N GLN B 8 -14.27 -27.24 0.74
CA GLN B 8 -15.50 -28.01 0.81
C GLN B 8 -16.59 -27.20 1.51
N VAL B 9 -16.37 -26.87 2.77
CA VAL B 9 -17.38 -26.21 3.59
C VAL B 9 -17.65 -24.77 3.20
N MET B 10 -16.64 -24.14 2.58
CA MET B 10 -16.65 -22.73 2.22
C MET B 10 -18.04 -22.13 1.91
N ASN B 11 -18.72 -22.58 0.87
CA ASN B 11 -19.95 -21.92 0.45
C ASN B 11 -21.23 -22.65 0.88
N LEU B 12 -21.30 -22.99 2.16
CA LEU B 12 -22.42 -23.76 2.70
C LEU B 12 -23.39 -22.96 3.56
N GLY B 13 -24.31 -23.67 4.17
CA GLY B 13 -25.18 -23.04 5.15
C GLY B 13 -24.49 -23.06 6.49
N PRO B 14 -24.71 -22.01 7.29
CA PRO B 14 -24.21 -21.83 8.65
C PRO B 14 -24.27 -23.08 9.49
N ASN B 15 -25.43 -23.74 9.47
CA ASN B 15 -25.72 -24.83 10.42
C ASN B 15 -25.18 -26.17 9.91
N SER B 16 -24.69 -26.16 8.67
CA SER B 16 -24.23 -27.36 7.96
C SER B 16 -23.33 -28.26 8.77
N LYS B 17 -23.61 -29.56 8.67
CA LYS B 17 -22.92 -30.62 9.41
C LYS B 17 -21.45 -30.70 9.01
N LEU B 18 -21.17 -30.56 7.72
CA LEU B 18 -19.81 -30.61 7.22
C LEU B 18 -19.02 -29.47 7.85
N LEU B 19 -19.64 -28.32 7.95
CA LEU B 19 -18.96 -27.18 8.52
C LEU B 19 -18.56 -27.43 9.97
N LYS B 20 -19.44 -28.01 10.77
CA LYS B 20 -19.10 -28.22 12.17
C LYS B 20 -18.03 -29.29 12.35
N GLU B 21 -17.71 -30.01 11.29
CA GLU B 21 -16.65 -31.02 11.39
C GLU B 21 -15.34 -30.34 11.03
N TYR B 22 -15.42 -29.39 10.11
CA TYR B 22 -14.28 -28.56 9.78
C TYR B 22 -13.85 -27.79 11.02
N LYS B 23 -14.82 -27.42 11.86
CA LYS B 23 -14.53 -26.72 13.09
C LYS B 23 -14.04 -27.69 14.16
N SER B 24 -14.31 -28.97 13.98
CA SER B 24 -13.85 -29.95 14.96
C SER B 24 -12.35 -30.15 14.76
N GLN B 25 -11.88 -29.91 13.54
CA GLN B 25 -10.47 -30.12 13.19
C GLN B 25 -9.55 -29.07 13.78
N LEU B 26 -10.12 -27.91 14.10
CA LEU B 26 -9.30 -26.80 14.54
C LEU B 26 -9.33 -26.70 16.05
N ILE B 27 -8.15 -26.76 16.65
CA ILE B 27 -8.05 -26.83 18.10
C ILE B 27 -7.72 -25.49 18.74
N GLU B 28 -6.71 -24.82 18.20
CA GLU B 28 -6.26 -23.55 18.76
C GLU B 28 -5.81 -22.59 17.66
N LEU B 29 -5.69 -21.32 18.03
CA LEU B 29 -5.02 -20.31 17.23
C LEU B 29 -3.52 -20.58 17.22
N ASN B 30 -2.86 -20.44 16.08
CA ASN B 30 -1.38 -20.56 16.04
C ASN B 30 -0.75 -19.31 16.66
N ILE B 31 0.57 -19.24 16.67
CA ILE B 31 1.25 -18.18 17.40
C ILE B 31 1.10 -16.82 16.72
N GLU B 32 0.99 -16.84 15.40
CA GLU B 32 0.87 -15.59 14.65
C GLU B 32 -0.48 -14.99 14.91
N GLN B 33 -1.51 -15.82 14.81
CA GLN B 33 -2.87 -15.35 14.96
C GLN B 33 -3.14 -14.88 16.37
N PHE B 34 -2.43 -15.42 17.36
CA PHE B 34 -2.65 -14.98 18.73
C PHE B 34 -2.04 -13.60 18.97
N GLU B 35 -0.85 -13.39 18.44
CA GLU B 35 -0.11 -12.15 18.69
C GLU B 35 -0.60 -10.97 17.85
N ALA B 36 -0.90 -11.21 16.58
CA ALA B 36 -1.64 -10.22 15.82
C ALA B 36 -3.00 -9.96 16.48
N GLY B 37 -3.48 -10.91 17.28
CA GLY B 37 -4.75 -10.80 17.97
C GLY B 37 -4.80 -9.65 18.96
N ILE B 38 -3.99 -9.73 20.01
CA ILE B 38 -3.80 -8.66 20.98
C ILE B 38 -3.65 -7.30 20.33
N GLY B 39 -3.18 -7.26 19.09
CA GLY B 39 -2.95 -6.00 18.43
C GLY B 39 -4.22 -5.50 17.80
N LEU B 40 -4.86 -6.36 17.02
CA LEU B 40 -6.06 -5.99 16.31
C LEU B 40 -7.20 -5.63 17.26
N ILE B 41 -7.25 -6.29 18.41
CA ILE B 41 -8.33 -6.07 19.35
C ILE B 41 -8.08 -4.76 20.10
N LEU B 42 -6.84 -4.50 20.53
CA LEU B 42 -6.49 -3.17 21.02
C LEU B 42 -6.77 -2.15 19.90
N GLY B 43 -6.80 -2.64 18.67
CA GLY B 43 -6.85 -1.79 17.51
C GLY B 43 -8.24 -1.57 16.98
N ASP B 44 -8.54 -2.26 15.90
CA ASP B 44 -9.73 -2.01 15.11
C ASP B 44 -10.65 -3.21 15.00
N ALA B 45 -10.27 -4.35 15.55
CA ALA B 45 -11.12 -5.56 15.42
C ALA B 45 -12.21 -5.59 16.49
N TYR B 46 -13.31 -6.27 16.16
CA TYR B 46 -14.41 -6.48 17.08
C TYR B 46 -14.45 -7.94 17.48
N ILE B 47 -14.50 -8.26 18.76
CA ILE B 47 -14.55 -9.65 19.18
C ILE B 47 -15.81 -9.92 20.00
N ARG B 48 -16.87 -10.38 19.33
CA ARG B 48 -18.17 -10.60 19.96
C ARG B 48 -18.44 -12.07 20.29
N SER B 49 -19.22 -12.29 21.34
CA SER B 49 -19.90 -13.57 21.60
C SER B 49 -21.41 -13.42 21.68
N ARG B 50 -22.12 -14.15 20.84
CA ARG B 50 -23.57 -14.01 20.81
C ARG B 50 -24.31 -14.94 21.80
N ASP B 51 -23.57 -15.87 22.42
CA ASP B 51 -24.18 -16.92 23.23
C ASP B 51 -23.61 -16.97 24.65
N GLU B 52 -23.51 -15.80 25.27
CA GLU B 52 -23.16 -15.68 26.68
C GLU B 52 -21.66 -15.91 26.87
N GLY B 53 -20.93 -16.16 25.78
CA GLY B 53 -19.47 -16.21 25.84
C GLY B 53 -18.95 -17.59 26.07
N LYS B 54 -19.59 -18.61 25.51
CA LYS B 54 -18.95 -19.89 25.44
C LYS B 54 -18.08 -19.87 24.19
N THR B 55 -18.47 -19.00 23.25
CA THR B 55 -17.71 -18.79 22.03
C THR B 55 -17.83 -17.38 21.45
N TYR B 56 -16.69 -16.90 20.93
CA TYR B 56 -16.57 -15.60 20.25
C TYR B 56 -16.10 -15.81 18.83
N CYS B 57 -16.49 -14.93 17.94
CA CYS B 57 -15.86 -14.81 16.64
C CYS B 57 -15.24 -13.41 16.57
N MET B 58 -14.52 -13.13 15.49
CA MET B 58 -13.91 -11.82 15.32
C MET B 58 -14.49 -11.13 14.11
N GLN B 59 -14.99 -9.91 14.27
CA GLN B 59 -15.42 -9.17 13.10
C GLN B 59 -14.37 -8.11 12.72
N PHE B 60 -14.23 -7.88 11.42
CA PHE B 60 -13.30 -6.92 10.86
C PHE B 60 -13.99 -5.87 10.01
N GLU B 61 -13.49 -4.64 10.01
CA GLU B 61 -13.94 -3.61 9.07
C GLU B 61 -12.81 -2.62 8.86
N TRP B 62 -12.60 -2.21 7.61
CA TRP B 62 -11.45 -1.38 7.21
C TRP B 62 -11.71 -0.70 5.88
N LYS B 63 -10.97 0.36 5.62
CA LYS B 63 -11.11 1.09 4.37
C LYS B 63 -10.13 0.48 3.38
N ASN B 64 -9.11 -0.19 3.90
CA ASN B 64 -7.98 -0.54 3.07
C ASN B 64 -8.02 -1.98 2.59
N LYS B 65 -8.61 -2.17 1.41
CA LYS B 65 -8.77 -3.49 0.82
C LYS B 65 -7.53 -4.38 0.92
N ALA B 66 -6.35 -3.77 0.80
CA ALA B 66 -5.10 -4.52 0.90
C ALA B 66 -4.86 -4.99 2.32
N TYR B 67 -5.06 -4.10 3.28
CA TYR B 67 -4.92 -4.48 4.68
C TYR B 67 -5.90 -5.60 5.02
N MET B 68 -7.16 -5.39 4.65
CA MET B 68 -8.18 -6.40 4.88
C MET B 68 -7.74 -7.78 4.39
N ASP B 69 -7.40 -7.87 3.11
CA ASP B 69 -7.06 -9.14 2.51
C ASP B 69 -5.90 -9.81 3.21
N HIS B 70 -5.01 -9.00 3.79
CA HIS B 70 -3.83 -9.51 4.47
C HIS B 70 -4.19 -10.10 5.82
N VAL B 71 -5.22 -9.54 6.45
CA VAL B 71 -5.66 -10.04 7.74
C VAL B 71 -6.42 -11.35 7.55
N CYS B 72 -7.39 -11.35 6.65
CA CYS B 72 -8.08 -12.58 6.25
C CYS B 72 -7.07 -13.68 5.99
N LEU B 73 -6.16 -13.45 5.04
CA LEU B 73 -5.14 -14.42 4.71
C LEU B 73 -4.35 -14.86 5.94
N LEU B 74 -4.15 -13.97 6.90
CA LEU B 74 -3.44 -14.40 8.09
C LEU B 74 -4.32 -15.33 8.96
N TYR B 75 -5.65 -15.18 8.84
CA TYR B 75 -6.63 -16.00 9.55
C TYR B 75 -7.32 -17.03 8.62
N ASP B 76 -6.54 -17.60 7.70
CA ASP B 76 -7.07 -18.40 6.58
C ASP B 76 -8.02 -19.54 6.97
N GLN B 77 -7.69 -20.24 8.05
CA GLN B 77 -8.53 -21.36 8.46
C GLN B 77 -9.87 -20.88 9.01
N TRP B 78 -9.95 -19.62 9.42
CA TRP B 78 -11.11 -19.20 10.16
C TRP B 78 -12.01 -18.21 9.42
N VAL B 79 -11.68 -17.87 8.18
CA VAL B 79 -12.54 -16.96 7.41
C VAL B 79 -12.94 -17.62 6.10
N LEU B 80 -14.24 -17.74 5.86
CA LEU B 80 -14.72 -18.60 4.78
C LEU B 80 -15.00 -17.88 3.46
N SER B 81 -15.31 -16.59 3.54
CA SER B 81 -15.58 -15.80 2.34
C SER B 81 -14.55 -14.69 2.14
N PRO B 82 -14.55 -14.12 0.94
CA PRO B 82 -13.80 -12.89 0.65
C PRO B 82 -14.44 -11.68 1.33
N PRO B 83 -13.65 -10.64 1.68
CA PRO B 83 -14.17 -9.39 2.24
C PRO B 83 -15.37 -8.84 1.47
N HIS B 84 -16.40 -8.29 2.13
CA HIS B 84 -17.47 -7.65 1.38
C HIS B 84 -17.34 -6.12 1.37
N LYS B 85 -17.74 -5.51 0.25
CA LYS B 85 -17.74 -4.07 0.05
C LYS B 85 -18.98 -3.38 0.59
N LYS B 86 -18.83 -2.69 1.72
CA LYS B 86 -19.93 -1.93 2.27
C LYS B 86 -19.98 -0.54 1.66
N GLU B 87 -21.08 -0.25 0.98
CA GLU B 87 -21.33 1.07 0.45
C GLU B 87 -22.44 1.77 1.21
N ARG B 88 -22.09 2.76 2.03
CA ARG B 88 -23.06 3.46 2.87
C ARG B 88 -23.21 4.92 2.55
N VAL B 89 -24.35 5.48 2.91
CA VAL B 89 -24.58 6.91 2.80
C VAL B 89 -24.76 7.53 4.17
N ASN B 90 -23.92 8.52 4.49
CA ASN B 90 -23.91 9.09 5.84
C ASN B 90 -24.80 10.33 5.98
N HIS B 91 -24.96 10.80 7.21
CA HIS B 91 -25.93 11.87 7.52
C HIS B 91 -25.69 13.15 6.71
N LEU B 92 -24.45 13.32 6.23
CA LEU B 92 -24.09 14.47 5.41
C LEU B 92 -24.49 14.28 3.96
N GLY B 93 -24.92 13.07 3.61
CA GLY B 93 -25.27 12.76 2.23
C GLY B 93 -24.05 12.46 1.37
N ASN B 94 -23.06 11.83 1.98
CA ASN B 94 -21.84 11.43 1.27
C ASN B 94 -21.71 9.93 1.17
N LEU B 95 -21.19 9.46 0.05
CA LEU B 95 -20.93 8.04 -0.14
C LEU B 95 -19.67 7.65 0.60
N VAL B 96 -19.76 6.58 1.40
CA VAL B 96 -18.62 6.11 2.18
C VAL B 96 -18.37 4.61 2.01
N ILE B 97 -17.24 4.29 1.39
CA ILE B 97 -16.93 2.91 1.05
C ILE B 97 -15.92 2.29 2.01
N THR B 98 -16.19 1.04 2.41
CA THR B 98 -15.44 0.41 3.48
C THR B 98 -15.54 -1.11 3.23
N TRP B 99 -14.90 -1.93 4.04
CA TRP B 99 -14.94 -3.37 3.74
C TRP B 99 -15.14 -4.20 4.99
N GLY B 100 -16.01 -5.20 4.90
CA GLY B 100 -16.27 -6.07 6.03
C GLY B 100 -15.92 -7.53 5.83
N ALA B 101 -15.61 -8.19 6.94
CA ALA B 101 -15.35 -9.61 6.93
C ALA B 101 -15.38 -10.12 8.36
N GLN B 102 -15.50 -11.42 8.53
CA GLN B 102 -15.62 -11.98 9.87
C GLN B 102 -15.10 -13.39 9.91
N THR B 103 -15.07 -13.97 11.10
CA THR B 103 -14.66 -15.34 11.30
C THR B 103 -15.90 -16.14 11.76
N PHE B 104 -15.94 -17.44 11.50
CA PHE B 104 -16.97 -18.26 12.15
C PHE B 104 -16.61 -18.24 13.63
N LYS B 105 -17.60 -18.40 14.50
CA LYS B 105 -17.29 -18.45 15.93
C LYS B 105 -16.63 -19.78 16.27
N HIS B 106 -15.88 -19.82 17.36
CA HIS B 106 -15.12 -21.02 17.68
C HIS B 106 -14.45 -20.91 19.03
N GLN B 107 -14.28 -22.03 19.72
CA GLN B 107 -13.71 -21.99 21.06
C GLN B 107 -12.31 -21.43 21.07
N ALA B 108 -11.58 -21.61 19.96
CA ALA B 108 -10.21 -21.11 19.83
C ALA B 108 -10.03 -19.61 20.12
N PHE B 109 -11.09 -18.84 19.94
CA PHE B 109 -11.04 -17.40 20.08
C PHE B 109 -11.26 -16.96 21.51
N ASN B 110 -11.60 -17.90 22.38
CA ASN B 110 -11.77 -17.56 23.78
C ASN B 110 -10.48 -17.10 24.42
N LYS B 111 -9.33 -17.55 23.90
CA LYS B 111 -8.09 -17.17 24.55
C LYS B 111 -7.88 -15.67 24.43
N LEU B 112 -8.37 -15.07 23.33
CA LEU B 112 -8.22 -13.63 23.20
C LEU B 112 -9.28 -12.95 24.05
N ALA B 113 -10.53 -13.39 23.91
CA ALA B 113 -11.64 -12.74 24.59
C ALA B 113 -11.49 -12.80 26.09
N ASN B 114 -10.76 -13.79 26.59
CA ASN B 114 -10.65 -13.97 28.03
C ASN B 114 -9.77 -12.89 28.65
N LEU B 115 -9.06 -12.16 27.79
CA LEU B 115 -8.11 -11.12 28.18
C LEU B 115 -8.68 -9.72 28.23
N PHE B 116 -9.45 -9.35 27.21
CA PHE B 116 -10.03 -8.02 27.09
C PHE B 116 -11.45 -7.96 27.67
N ILE B 117 -12.34 -8.79 27.12
CA ILE B 117 -13.75 -8.73 27.47
C ILE B 117 -14.01 -9.15 28.91
N VAL B 118 -14.44 -8.18 29.72
CA VAL B 118 -14.79 -8.41 31.13
C VAL B 118 -16.15 -7.79 31.42
N ASN B 119 -17.10 -8.61 31.84
CA ASN B 119 -18.49 -8.20 31.92
C ASN B 119 -18.95 -7.56 30.60
N ASN B 120 -18.55 -8.17 29.48
CA ASN B 120 -19.18 -7.95 28.17
C ASN B 120 -18.73 -6.70 27.40
N LYS B 121 -17.67 -6.05 27.82
CA LYS B 121 -17.14 -4.93 27.06
C LYS B 121 -15.63 -4.90 27.08
N LYS B 122 -15.01 -4.37 26.02
CA LYS B 122 -13.56 -4.41 25.86
C LYS B 122 -12.80 -3.66 26.94
N THR B 123 -11.83 -4.33 27.54
CA THR B 123 -11.23 -3.88 28.78
C THR B 123 -9.75 -4.23 28.79
N ILE B 124 -8.94 -3.48 29.52
CA ILE B 124 -7.53 -3.80 29.59
C ILE B 124 -7.16 -4.31 30.98
N PRO B 125 -6.51 -5.48 31.06
CA PRO B 125 -6.05 -6.04 32.32
C PRO B 125 -4.69 -5.49 32.70
N ASN B 126 -4.41 -5.36 33.99
CA ASN B 126 -3.05 -4.98 34.40
C ASN B 126 -2.08 -6.02 33.88
N ASN B 127 -0.91 -5.56 33.49
CA ASN B 127 0.14 -6.44 32.98
C ASN B 127 -0.23 -7.09 31.64
N LEU B 128 -1.09 -6.44 30.87
CA LEU B 128 -1.36 -6.88 29.53
C LEU B 128 -0.13 -6.71 28.68
N VAL B 129 0.50 -5.56 28.80
CA VAL B 129 1.65 -5.23 27.98
C VAL B 129 2.89 -6.03 28.40
N GLU B 130 3.02 -6.30 29.69
CA GLU B 130 4.20 -7.03 30.17
C GLU B 130 4.13 -8.52 29.79
N ASN B 131 2.91 -9.05 29.77
CA ASN B 131 2.74 -10.49 29.73
C ASN B 131 2.24 -11.05 28.41
N TYR B 132 1.70 -10.22 27.52
CA TYR B 132 1.10 -10.79 26.33
C TYR B 132 1.44 -10.03 25.05
N LEU B 133 1.88 -8.79 25.19
CA LEU B 133 2.11 -7.96 24.01
C LEU B 133 3.51 -8.10 23.43
N THR B 134 3.61 -8.65 22.23
CA THR B 134 4.88 -8.79 21.53
C THR B 134 5.02 -7.71 20.47
N PRO B 135 6.20 -7.61 19.84
CA PRO B 135 6.42 -6.54 18.85
C PRO B 135 5.50 -6.68 17.64
N MET B 136 4.99 -7.88 17.40
CA MET B 136 4.00 -8.09 16.34
C MET B 136 2.65 -7.50 16.75
N SER B 137 2.29 -7.71 18.01
CA SER B 137 1.08 -7.10 18.55
C SER B 137 1.13 -5.61 18.33
N LEU B 138 2.31 -5.04 18.56
CA LEU B 138 2.55 -3.60 18.44
C LEU B 138 2.47 -3.16 16.99
N ALA B 139 2.75 -4.09 16.08
CA ALA B 139 2.72 -3.77 14.67
C ALA B 139 1.29 -3.59 14.19
N TYR B 140 0.42 -4.49 14.63
CA TYR B 140 -0.98 -4.44 14.23
C TYR B 140 -1.74 -3.33 14.98
N TRP B 141 -1.45 -3.18 16.27
CA TRP B 141 -1.98 -2.06 17.03
C TRP B 141 -1.65 -0.76 16.34
N PHE B 142 -0.43 -0.66 15.82
CA PHE B 142 -0.03 0.59 15.20
C PHE B 142 -0.75 0.76 13.89
N MET B 143 -0.96 -0.34 13.17
CA MET B 143 -1.54 -0.19 11.86
C MET B 143 -3.05 0.03 11.93
N ASP B 144 -3.65 -0.27 13.08
CA ASP B 144 -5.08 0.06 13.28
C ASP B 144 -5.35 1.45 13.84
N ASP B 145 -4.64 1.78 14.93
CA ASP B 145 -4.96 2.98 15.68
C ASP B 145 -3.82 4.00 15.73
N GLY B 146 -2.66 3.64 15.16
CA GLY B 146 -1.49 4.50 15.23
C GLY B 146 -1.59 5.70 14.31
N GLY B 147 -0.74 6.69 14.51
CA GLY B 147 -0.71 7.89 13.68
C GLY B 147 0.44 8.83 14.02
N LYS B 148 0.71 9.78 13.14
CA LYS B 148 1.65 10.87 13.43
C LYS B 148 1.15 11.81 14.54
N TRP B 149 2.06 12.55 15.16
CA TRP B 149 1.70 13.68 16.02
C TRP B 149 1.55 14.97 15.22
N ASP B 150 2.43 15.20 14.23
CA ASP B 150 2.39 16.43 13.43
C ASP B 150 2.15 16.13 11.97
N TYR B 151 0.96 16.49 11.48
CA TYR B 151 0.56 16.17 10.12
C TYR B 151 0.85 17.30 9.17
N ASN B 152 1.61 18.29 9.66
CA ASN B 152 1.97 19.44 8.84
C ASN B 152 2.91 19.03 7.74
N LYS B 153 2.73 19.57 6.56
CA LYS B 153 3.68 19.29 5.49
C LYS B 153 5.06 19.84 5.84
N ASN B 154 6.09 19.10 5.45
CA ASN B 154 7.46 19.50 5.68
C ASN B 154 7.82 19.48 7.16
N SER B 155 7.21 18.57 7.91
CA SER B 155 7.53 18.48 9.33
C SER B 155 8.81 17.69 9.50
N THR B 156 9.36 17.69 10.71
CA THR B 156 10.46 16.79 11.07
C THR B 156 10.20 16.22 12.42
N ASN B 157 8.97 16.35 12.89
CA ASN B 157 8.57 15.71 14.12
C ASN B 157 8.35 14.24 13.79
N THR B 158 8.88 13.35 14.62
CA THR B 158 8.75 11.94 14.32
C THR B 158 8.09 11.18 15.47
N SER B 159 7.24 11.90 16.18
CA SER B 159 6.54 11.34 17.33
C SER B 159 5.34 10.52 16.87
N ILE B 160 5.00 9.50 17.65
CA ILE B 160 3.93 8.60 17.27
C ILE B 160 2.78 8.60 18.27
N VAL B 161 1.57 8.44 17.75
CA VAL B 161 0.42 8.35 18.63
C VAL B 161 -0.37 7.04 18.44
N LEU B 162 -0.81 6.50 19.56
CA LEU B 162 -1.70 5.36 19.59
C LEU B 162 -3.08 5.78 20.04
N ASN B 163 -3.96 6.14 19.10
CA ASN B 163 -5.33 6.53 19.43
C ASN B 163 -6.17 5.55 20.31
N THR B 164 -6.04 5.69 21.62
CA THR B 164 -6.62 4.77 22.57
C THR B 164 -7.83 5.34 23.27
N GLN B 165 -8.61 6.15 22.55
CA GLN B 165 -9.66 6.91 23.21
C GLN B 165 -10.87 6.07 23.70
N SER B 166 -10.80 4.76 23.56
CA SER B 166 -11.94 3.92 23.87
C SER B 166 -11.76 3.39 25.28
N PHE B 167 -10.54 3.54 25.77
CA PHE B 167 -10.20 3.09 27.11
C PHE B 167 -10.25 4.20 28.13
N THR B 168 -10.34 3.81 29.40
CA THR B 168 -10.32 4.73 30.51
C THR B 168 -8.89 5.23 30.70
N PHE B 169 -8.72 6.32 31.44
CA PHE B 169 -7.40 6.87 31.63
C PHE B 169 -6.57 5.93 32.46
N GLU B 170 -7.19 5.40 33.50
CA GLU B 170 -6.54 4.40 34.33
C GLU B 170 -5.93 3.32 33.47
N GLU B 171 -6.72 2.79 32.52
CA GLU B 171 -6.32 1.68 31.66
C GLU B 171 -5.11 2.04 30.82
N VAL B 172 -5.25 3.10 30.04
CA VAL B 172 -4.15 3.56 29.20
C VAL B 172 -2.90 3.88 30.03
N GLU B 173 -3.08 4.37 31.24
CA GLU B 173 -1.92 4.56 32.12
C GLU B 173 -1.15 3.26 32.32
N TYR B 174 -1.85 2.13 32.21
CA TYR B 174 -1.19 0.86 32.41
C TYR B 174 -0.57 0.34 31.11
N LEU B 175 -1.14 0.74 29.97
CA LEU B 175 -0.55 0.42 28.68
C LEU B 175 0.80 1.10 28.55
N VAL B 176 0.83 2.39 28.91
CA VAL B 176 2.06 3.18 28.86
C VAL B 176 3.11 2.64 29.82
N LYS B 177 2.75 2.48 31.08
CA LYS B 177 3.67 1.89 32.05
C LYS B 177 4.25 0.56 31.61
N GLY B 178 3.71 -0.04 30.55
CA GLY B 178 4.22 -1.29 30.05
C GLY B 178 5.16 -1.05 28.89
N LEU B 179 4.90 0.00 28.15
CA LEU B 179 5.72 0.30 27.00
C LEU B 179 6.98 1.03 27.44
N ARG B 180 6.99 1.54 28.67
CA ARG B 180 8.21 2.11 29.22
C ARG B 180 9.09 0.98 29.71
N ASN B 181 8.55 0.16 30.61
CA ASN B 181 9.32 -0.92 31.18
C ASN B 181 9.77 -1.93 30.14
N LYS B 182 8.81 -2.54 29.45
CA LYS B 182 9.10 -3.68 28.58
C LYS B 182 9.88 -3.33 27.30
N PHE B 183 9.61 -2.15 26.74
CA PHE B 183 10.12 -1.80 25.42
C PHE B 183 11.02 -0.57 25.45
N GLN B 184 11.21 0.01 26.63
CA GLN B 184 12.15 1.12 26.78
C GLN B 184 11.81 2.27 25.85
N LEU B 185 10.54 2.33 25.45
CA LEU B 185 10.05 3.51 24.76
C LEU B 185 9.90 4.60 25.81
N ASN B 186 10.15 5.85 25.44
CA ASN B 186 9.83 6.95 26.36
C ASN B 186 8.56 7.59 25.80
N CYS B 187 7.51 7.53 26.60
CA CYS B 187 6.19 7.90 26.12
C CYS B 187 5.24 8.15 27.28
N TYR B 188 4.09 8.75 27.00
CA TYR B 188 3.14 9.10 28.05
C TYR B 188 1.79 9.44 27.46
N VAL B 189 0.80 9.61 28.32
CA VAL B 189 -0.54 9.92 27.88
C VAL B 189 -0.74 11.37 27.50
N LYS B 190 -1.54 11.61 26.47
CA LYS B 190 -2.03 12.95 26.18
C LYS B 190 -3.55 12.90 26.09
N ILE B 191 -4.19 14.04 25.81
CA ILE B 191 -5.63 14.10 25.68
C ILE B 191 -6.03 14.46 24.26
N ASN B 192 -7.15 13.88 23.80
CA ASN B 192 -7.76 14.23 22.52
C ASN B 192 -9.23 14.03 22.69
N LYS B 193 -10.01 15.05 22.34
CA LYS B 193 -11.46 14.98 22.47
C LYS B 193 -11.83 14.50 23.88
N ASN B 194 -11.06 14.95 24.87
CA ASN B 194 -11.30 14.62 26.27
C ASN B 194 -11.10 13.14 26.58
N LYS B 195 -10.63 12.39 25.59
CA LYS B 195 -10.26 11.01 25.80
C LYS B 195 -8.73 10.85 25.71
N PRO B 196 -8.18 9.80 26.33
CA PRO B 196 -6.73 9.50 26.31
C PRO B 196 -6.18 8.98 24.97
N ILE B 197 -5.01 9.48 24.57
CA ILE B 197 -4.20 8.93 23.47
C ILE B 197 -2.77 8.64 23.98
N ILE B 198 -2.12 7.59 23.50
CA ILE B 198 -0.69 7.39 23.83
C ILE B 198 0.22 8.21 22.92
N TYR B 199 1.05 9.07 23.53
CA TYR B 199 2.04 9.86 22.80
C TYR B 199 3.42 9.25 22.98
N ILE B 200 4.04 8.86 21.86
CA ILE B 200 5.42 8.38 21.84
C ILE B 200 6.42 9.43 21.32
N ASP B 201 7.37 9.83 22.16
CA ASP B 201 8.32 10.89 21.78
C ASP B 201 9.31 10.50 20.69
N SER B 202 9.58 11.44 19.80
CA SER B 202 10.31 11.17 18.56
C SER B 202 11.71 10.63 18.77
N MET B 203 12.27 10.83 19.95
CA MET B 203 13.59 10.27 20.21
C MET B 203 13.50 8.74 20.38
N SER B 204 12.29 8.24 20.66
CA SER B 204 12.05 6.79 20.75
C SER B 204 11.69 6.19 19.41
N TYR B 205 11.48 7.04 18.41
CA TYR B 205 10.94 6.60 17.13
C TYR B 205 11.66 5.44 16.52
N LEU B 206 12.98 5.55 16.41
CA LEU B 206 13.76 4.53 15.71
C LEU B 206 13.58 3.19 16.42
N ILE B 207 13.54 3.22 17.75
CA ILE B 207 13.36 1.98 18.50
C ILE B 207 12.07 1.32 18.11
N PHE B 208 11.00 2.11 18.10
CA PHE B 208 9.67 1.67 17.73
C PHE B 208 9.61 1.27 16.27
N TYR B 209 10.32 1.99 15.42
CA TYR B 209 10.35 1.63 14.02
C TYR B 209 11.03 0.27 13.81
N ASN B 210 12.04 -0.03 14.60
CA ASN B 210 12.79 -1.28 14.40
C ASN B 210 12.13 -2.48 15.08
N LEU B 211 11.06 -2.21 15.83
CA LEU B 211 10.23 -3.25 16.41
C LEU B 211 9.16 -3.73 15.44
N ILE B 212 8.65 -2.82 14.62
CA ILE B 212 7.51 -3.14 13.78
C ILE B 212 7.82 -3.22 12.28
N LYS B 213 9.09 -3.10 11.89
CA LYS B 213 9.42 -3.19 10.47
C LYS B 213 9.07 -4.57 9.90
N PRO B 214 9.56 -5.65 10.54
CA PRO B 214 9.30 -7.05 10.16
C PRO B 214 7.86 -7.36 9.81
N TYR B 215 6.93 -6.55 10.31
CA TYR B 215 5.50 -6.89 10.24
C TYR B 215 4.66 -5.87 9.46
N LEU B 216 5.19 -4.68 9.25
CA LEU B 216 4.48 -3.66 8.48
C LEU B 216 4.30 -4.03 7.02
N ILE B 217 3.06 -4.19 6.60
CA ILE B 217 2.80 -4.40 5.19
C ILE B 217 2.95 -3.05 4.48
N PRO B 218 3.61 -3.07 3.30
CA PRO B 218 3.84 -1.89 2.43
C PRO B 218 2.64 -0.96 2.28
N GLN B 219 1.45 -1.52 2.15
CA GLN B 219 0.30 -0.69 1.83
C GLN B 219 -0.09 0.22 3.00
N MET B 220 0.72 0.21 4.05
CA MET B 220 0.41 0.99 5.25
C MET B 220 1.62 1.78 5.82
N MET B 221 2.69 1.89 5.04
CA MET B 221 3.85 2.68 5.49
C MET B 221 3.58 4.18 5.44
N TYR B 222 2.62 4.59 4.62
CA TYR B 222 2.21 5.99 4.51
C TYR B 222 1.80 6.60 5.84
N LYS B 223 1.55 5.76 6.82
CA LYS B 223 1.14 6.20 8.15
C LYS B 223 2.33 6.72 8.95
N LEU B 224 3.52 6.18 8.67
CA LEU B 224 4.75 6.60 9.33
C LEU B 224 5.26 8.01 8.93
N PRO B 225 6.01 8.68 9.82
CA PRO B 225 6.59 9.97 9.42
C PRO B 225 7.53 9.88 8.19
N ASN B 226 7.80 11.03 7.56
CA ASN B 226 8.58 11.11 6.29
C ASN B 226 10.14 11.00 6.37
N THR B 227 10.73 11.25 7.56
CA THR B 227 12.21 11.14 7.79
C THR B 227 13.06 12.06 6.82
N ILE B 228 12.76 13.38 6.92
CA ILE B 228 13.45 14.50 6.23
C ILE B 228 14.97 14.33 6.03
#